data_3V4G
#
_entry.id   3V4G
#
_cell.length_a   73.308
_cell.length_b   73.308
_cell.length_c   118.597
_cell.angle_alpha   90.00
_cell.angle_beta   90.00
_cell.angle_gamma   120.00
#
_symmetry.space_group_name_H-M   'P 63 2 2'
#
loop_
_entity.id
_entity.type
_entity.pdbx_description
1 polymer 'Arginine repressor'
2 water water
#
_entity_poly.entity_id   1
_entity_poly.type   'polypeptide(L)'
_entity_poly.pdbx_seq_one_letter_code
;MHHHHHHSSGVDLGTENLYFQSNAMRPSEKQDNLVRAFKALLKEERFGSQGEIVEALKQEGFENINQSKVSRMLTKFGAV
RTRNAKMEMVYCLPTELGVPTVSSSLRELVLDVDHNQALVVIHTGPGAAQLIARMLDSLGKSEGILGVVAGDDTIFITPT
LTITTEQLFKSVCELFEYAG
;
_entity_poly.pdbx_strand_id   A
#
# COMPACT_ATOMS: atom_id res chain seq x y z
N LYS A 30 5.43 17.35 -20.25
CA LYS A 30 5.99 16.95 -18.93
C LYS A 30 5.11 15.89 -18.25
N GLN A 31 3.79 16.09 -18.27
N GLN A 31 3.79 16.09 -18.27
CA GLN A 31 2.88 15.14 -17.65
CA GLN A 31 2.86 15.14 -17.65
C GLN A 31 2.88 13.83 -18.41
C GLN A 31 2.89 13.82 -18.42
N ASP A 32 2.95 13.90 -19.75
CA ASP A 32 2.99 12.69 -20.58
C ASP A 32 4.27 11.92 -20.27
N ASN A 33 5.37 12.65 -20.06
CA ASN A 33 6.65 12.01 -19.73
C ASN A 33 6.60 11.37 -18.34
N LEU A 34 5.93 12.02 -17.40
CA LEU A 34 5.80 11.50 -16.04
C LEU A 34 5.01 10.20 -16.07
N VAL A 35 3.91 10.18 -16.82
CA VAL A 35 3.09 8.98 -16.93
C VAL A 35 3.91 7.83 -17.55
N ARG A 36 4.65 8.13 -18.62
CA ARG A 36 5.46 7.12 -19.26
C ARG A 36 6.52 6.57 -18.28
N ALA A 37 7.16 7.48 -17.53
CA ALA A 37 8.18 7.11 -16.56
C ALA A 37 7.60 6.24 -15.45
N PHE A 38 6.45 6.66 -14.95
CA PHE A 38 5.74 5.94 -13.89
C PHE A 38 5.38 4.54 -14.33
N LYS A 39 4.73 4.41 -15.49
CA LYS A 39 4.35 3.10 -15.98
C LYS A 39 5.56 2.20 -16.16
N ALA A 40 6.69 2.77 -16.62
CA ALA A 40 7.90 1.98 -16.81
C ALA A 40 8.40 1.42 -15.48
N LEU A 41 8.29 2.19 -14.41
CA LEU A 41 8.72 1.72 -13.09
C LEU A 41 7.86 0.53 -12.70
N LEU A 42 6.56 0.59 -12.98
N LEU A 42 6.56 0.58 -12.94
CA LEU A 42 5.65 -0.50 -12.66
CA LEU A 42 5.69 -0.57 -12.62
C LEU A 42 6.03 -1.75 -13.47
C LEU A 42 6.06 -1.78 -13.46
N LYS A 43 6.36 -1.55 -14.75
CA LYS A 43 6.74 -2.66 -15.65
C LYS A 43 8.04 -3.34 -15.22
N GLU A 44 8.91 -2.63 -14.50
CA GLU A 44 10.15 -3.23 -14.04
C GLU A 44 9.85 -4.30 -12.98
N GLU A 45 8.70 -4.18 -12.31
CA GLU A 45 8.32 -5.16 -11.28
C GLU A 45 9.43 -5.32 -10.24
N ARG A 46 9.85 -4.20 -9.68
CA ARG A 46 10.90 -4.24 -8.66
C ARG A 46 10.73 -3.23 -7.52
N PHE A 47 9.73 -2.35 -7.59
CA PHE A 47 9.52 -1.36 -6.53
C PHE A 47 8.48 -1.86 -5.56
N GLY A 48 8.81 -1.79 -4.27
CA GLY A 48 7.94 -2.28 -3.21
C GLY A 48 7.15 -1.30 -2.37
N SER A 49 7.33 0.00 -2.57
CA SER A 49 6.59 0.97 -1.77
C SER A 49 6.47 2.28 -2.49
N GLN A 50 5.50 3.09 -2.04
CA GLN A 50 5.28 4.40 -2.64
C GLN A 50 6.51 5.28 -2.56
N GLY A 51 7.19 5.25 -1.43
CA GLY A 51 8.40 6.03 -1.26
C GLY A 51 9.47 5.66 -2.26
N GLU A 52 9.58 4.39 -2.60
CA GLU A 52 10.58 3.93 -3.58
C GLU A 52 10.28 4.52 -4.95
N ILE A 53 9.00 4.57 -5.31
N ILE A 53 9.00 4.58 -5.31
CA ILE A 53 8.57 5.13 -6.59
CA ILE A 53 8.59 5.13 -6.59
C ILE A 53 8.90 6.62 -6.63
C ILE A 53 8.90 6.63 -6.63
N VAL A 54 8.58 7.34 -5.54
CA VAL A 54 8.85 8.78 -5.47
C VAL A 54 10.36 9.03 -5.68
N GLU A 55 11.19 8.30 -4.95
CA GLU A 55 12.64 8.45 -5.07
C GLU A 55 13.15 8.16 -6.48
N ALA A 56 12.66 7.10 -7.10
CA ALA A 56 13.07 6.74 -8.47
C ALA A 56 12.71 7.85 -9.45
N LEU A 57 11.51 8.40 -9.31
CA LEU A 57 11.07 9.49 -10.20
C LEU A 57 11.89 10.75 -9.95
N LYS A 58 12.22 11.05 -8.69
CA LYS A 58 13.04 12.24 -8.41
C LYS A 58 14.40 12.09 -9.09
N GLN A 59 15.00 10.91 -8.99
CA GLN A 59 16.29 10.63 -9.59
C GLN A 59 16.28 10.78 -11.12
N GLU A 60 15.12 10.55 -11.72
CA GLU A 60 14.96 10.68 -13.17
C GLU A 60 14.79 12.14 -13.59
N GLY A 61 14.63 13.04 -12.62
CA GLY A 61 14.48 14.46 -12.92
C GLY A 61 13.16 15.12 -12.57
N PHE A 62 12.20 14.34 -12.05
CA PHE A 62 10.89 14.91 -11.67
C PHE A 62 11.02 15.46 -10.23
N GLU A 63 11.64 16.63 -10.12
N GLU A 63 11.63 16.63 -10.12
CA GLU A 63 11.87 17.29 -8.82
CA GLU A 63 11.88 17.33 -8.86
C GLU A 63 10.65 17.52 -7.93
C GLU A 63 10.67 17.58 -7.96
N ASN A 64 9.49 17.75 -8.55
CA ASN A 64 8.26 18.01 -7.79
C ASN A 64 7.39 16.80 -7.47
N ILE A 65 7.89 15.60 -7.75
CA ILE A 65 7.11 14.39 -7.47
C ILE A 65 6.98 14.21 -5.95
N ASN A 66 5.85 13.66 -5.50
CA ASN A 66 5.60 13.42 -4.09
C ASN A 66 4.65 12.24 -3.92
N GLN A 67 4.39 11.81 -2.68
CA GLN A 67 3.50 10.66 -2.50
C GLN A 67 2.08 10.92 -2.91
N SER A 68 1.60 12.15 -2.79
CA SER A 68 0.23 12.43 -3.22
C SER A 68 0.06 12.11 -4.68
N LYS A 69 1.01 12.57 -5.50
N LYS A 69 1.01 12.56 -5.50
CA LYS A 69 0.97 12.35 -6.94
CA LYS A 69 0.96 12.34 -6.95
C LYS A 69 1.11 10.86 -7.26
C LYS A 69 1.09 10.84 -7.24
N VAL A 70 2.04 10.19 -6.58
CA VAL A 70 2.25 8.76 -6.79
C VAL A 70 1.00 7.96 -6.40
N SER A 71 0.35 8.29 -5.28
CA SER A 71 -0.86 7.59 -4.87
C SER A 71 -1.95 7.76 -5.95
N ARG A 72 -2.10 8.98 -6.47
CA ARG A 72 -3.11 9.21 -7.50
C ARG A 72 -2.81 8.40 -8.76
N MET A 73 -1.54 8.29 -9.12
N MET A 73 -1.53 8.30 -9.14
CA MET A 73 -1.17 7.54 -10.32
CA MET A 73 -1.18 7.53 -10.33
C MET A 73 -1.37 6.03 -10.14
C MET A 73 -1.38 6.02 -10.14
N LEU A 74 -1.08 5.51 -8.96
CA LEU A 74 -1.27 4.08 -8.70
C LEU A 74 -2.77 3.74 -8.88
N THR A 75 -3.64 4.61 -8.37
CA THR A 75 -5.08 4.44 -8.49
C THR A 75 -5.56 4.60 -9.94
N LYS A 76 -5.14 5.69 -10.57
CA LYS A 76 -5.53 5.98 -11.94
C LYS A 76 -5.15 4.94 -12.96
N PHE A 77 -3.91 4.45 -12.89
CA PHE A 77 -3.43 3.46 -13.85
C PHE A 77 -3.66 1.99 -13.52
N GLY A 78 -4.45 1.75 -12.47
CA GLY A 78 -4.81 0.41 -12.05
C GLY A 78 -3.68 -0.47 -11.57
N ALA A 79 -2.71 0.13 -10.89
CA ALA A 79 -1.59 -0.65 -10.36
C ALA A 79 -2.07 -1.61 -9.28
N VAL A 80 -1.39 -2.74 -9.19
CA VAL A 80 -1.67 -3.75 -8.18
C VAL A 80 -0.28 -4.25 -7.80
N ARG A 81 -0.18 -5.14 -6.83
CA ARG A 81 1.11 -5.68 -6.48
C ARG A 81 1.09 -7.15 -6.91
N THR A 82 2.28 -7.74 -6.99
CA THR A 82 2.43 -9.13 -7.38
C THR A 82 3.73 -9.60 -6.76
N ARG A 83 3.87 -10.91 -6.56
CA ARG A 83 5.11 -11.42 -6.00
C ARG A 83 5.93 -11.72 -7.24
N ASN A 84 7.07 -11.06 -7.40
CA ASN A 84 7.89 -11.30 -8.58
C ASN A 84 8.67 -12.59 -8.43
N ALA A 85 9.40 -12.96 -9.47
CA ALA A 85 10.19 -14.20 -9.47
C ALA A 85 11.39 -14.20 -8.50
N LYS A 86 11.66 -13.04 -7.89
N LYS A 86 11.67 -13.04 -7.89
CA LYS A 86 12.74 -12.91 -6.92
CA LYS A 86 12.75 -12.93 -6.92
C LYS A 86 12.12 -12.95 -5.52
C LYS A 86 12.12 -12.95 -5.52
N MET A 87 10.84 -13.30 -5.46
CA MET A 87 10.04 -13.42 -4.23
C MET A 87 9.69 -12.12 -3.51
N GLU A 88 9.80 -11.02 -4.23
N GLU A 88 9.84 -10.99 -4.19
CA GLU A 88 9.53 -9.69 -3.71
CA GLU A 88 9.52 -9.70 -3.58
C GLU A 88 8.13 -9.21 -4.07
C GLU A 88 8.15 -9.21 -4.04
N MET A 89 7.41 -8.61 -3.12
CA MET A 89 6.08 -8.07 -3.42
C MET A 89 6.37 -6.70 -4.03
N VAL A 90 5.93 -6.51 -5.26
CA VAL A 90 6.18 -5.27 -5.99
C VAL A 90 5.01 -4.80 -6.81
N TYR A 91 5.04 -3.51 -7.17
CA TYR A 91 3.99 -2.98 -8.00
C TYR A 91 4.17 -3.48 -9.42
N CYS A 92 3.05 -3.61 -10.11
CA CYS A 92 3.04 -4.03 -11.52
C CYS A 92 1.85 -3.38 -12.20
N LEU A 93 1.89 -3.42 -13.53
CA LEU A 93 0.85 -2.84 -14.35
C LEU A 93 0.12 -3.95 -15.10
N PRO A 94 -1.16 -4.20 -14.74
CA PRO A 94 -1.96 -5.24 -15.40
C PRO A 94 -1.99 -5.11 -16.92
N THR A 101 -9.06 -7.14 -13.01
CA THR A 101 -8.08 -8.05 -12.41
C THR A 101 -8.80 -9.12 -11.58
N VAL A 102 -9.45 -10.05 -12.27
CA VAL A 102 -10.21 -11.15 -11.66
C VAL A 102 -9.38 -12.16 -10.84
N SER A 103 -8.11 -12.36 -11.23
CA SER A 103 -7.25 -13.31 -10.53
C SER A 103 -6.40 -12.70 -9.40
N SER A 104 -6.57 -11.40 -9.14
CA SER A 104 -5.81 -10.72 -8.09
C SER A 104 -6.23 -11.14 -6.68
N SER A 105 -5.26 -11.21 -5.76
CA SER A 105 -5.54 -11.60 -4.37
C SER A 105 -5.73 -10.34 -3.55
N LEU A 106 -6.28 -10.50 -2.35
CA LEU A 106 -6.50 -9.35 -1.46
C LEU A 106 -5.17 -8.66 -1.15
N ARG A 107 -4.14 -9.44 -0.83
CA ARG A 107 -2.80 -8.91 -0.53
C ARG A 107 -2.23 -8.10 -1.72
N GLU A 108 -2.50 -8.57 -2.93
CA GLU A 108 -2.06 -7.91 -4.13
C GLU A 108 -2.83 -6.60 -4.34
N LEU A 109 -3.94 -6.42 -3.63
CA LEU A 109 -4.74 -5.21 -3.76
C LEU A 109 -4.34 -4.08 -2.81
N VAL A 110 -3.37 -4.34 -1.93
CA VAL A 110 -2.87 -3.33 -1.01
C VAL A 110 -1.81 -2.50 -1.75
N LEU A 111 -1.95 -1.17 -1.71
CA LEU A 111 -1.02 -0.24 -2.37
C LEU A 111 -0.11 0.49 -1.41
N ASP A 112 -0.54 0.67 -0.15
CA ASP A 112 0.32 1.36 0.82
C ASP A 112 -0.14 1.07 2.22
N VAL A 113 0.80 1.09 3.14
CA VAL A 113 0.54 0.91 4.57
C VAL A 113 1.38 2.02 5.22
N ASP A 114 0.74 2.83 6.06
CA ASP A 114 1.45 3.93 6.74
C ASP A 114 0.74 4.12 8.09
N HIS A 115 1.18 5.09 8.90
CA HIS A 115 0.53 5.29 10.19
C HIS A 115 0.89 6.63 10.77
N ASN A 116 0.15 6.97 11.82
CA ASN A 116 0.42 8.17 12.57
C ASN A 116 0.43 7.72 14.03
N GLN A 117 0.20 8.62 14.97
CA GLN A 117 0.22 8.22 16.38
C GLN A 117 -0.96 7.36 16.83
N ALA A 118 -2.09 7.49 16.15
CA ALA A 118 -3.29 6.76 16.57
C ALA A 118 -3.87 5.69 15.67
N LEU A 119 -3.49 5.70 14.40
CA LEU A 119 -4.01 4.74 13.46
C LEU A 119 -3.01 4.20 12.46
N VAL A 120 -3.32 3.00 11.99
CA VAL A 120 -2.58 2.35 10.92
C VAL A 120 -3.55 2.55 9.75
N VAL A 121 -3.04 3.09 8.64
CA VAL A 121 -3.88 3.37 7.49
C VAL A 121 -3.38 2.64 6.26
N ILE A 122 -4.30 1.93 5.62
CA ILE A 122 -3.98 1.19 4.42
C ILE A 122 -4.72 1.76 3.25
N HIS A 123 -4.03 1.87 2.12
CA HIS A 123 -4.65 2.33 0.86
C HIS A 123 -4.65 1.13 -0.05
N THR A 124 -5.75 0.93 -0.77
CA THR A 124 -5.90 -0.20 -1.66
C THR A 124 -6.33 0.25 -3.05
N GLY A 125 -6.47 -0.73 -3.93
CA GLY A 125 -6.96 -0.46 -5.27
C GLY A 125 -8.43 -0.10 -5.09
N PRO A 126 -9.04 0.54 -6.10
CA PRO A 126 -10.45 0.95 -5.99
C PRO A 126 -11.41 -0.18 -5.59
N GLY A 127 -12.25 0.11 -4.59
CA GLY A 127 -13.26 -0.84 -4.09
C GLY A 127 -12.79 -2.10 -3.36
N ALA A 128 -11.50 -2.18 -3.00
CA ALA A 128 -11.00 -3.37 -2.33
C ALA A 128 -10.90 -3.21 -0.82
N ALA A 129 -11.05 -2.00 -0.32
CA ALA A 129 -10.88 -1.76 1.13
C ALA A 129 -11.81 -2.52 2.05
N GLN A 130 -13.08 -2.58 1.68
N GLN A 130 -13.10 -2.57 1.74
CA GLN A 130 -14.10 -3.29 2.46
CA GLN A 130 -14.04 -3.28 2.60
C GLN A 130 -13.76 -4.75 2.66
C GLN A 130 -13.74 -4.79 2.69
N LEU A 131 -13.36 -5.41 1.59
CA LEU A 131 -13.02 -6.84 1.61
C LEU A 131 -11.80 -7.12 2.50
N ILE A 132 -10.78 -6.29 2.36
CA ILE A 132 -9.57 -6.44 3.16
C ILE A 132 -9.84 -6.13 4.64
N ALA A 133 -10.71 -5.16 4.88
CA ALA A 133 -11.05 -4.79 6.26
C ALA A 133 -11.79 -5.93 6.96
N ARG A 134 -12.62 -6.65 6.21
CA ARG A 134 -13.40 -7.76 6.75
C ARG A 134 -12.37 -8.74 7.38
N MET A 135 -11.33 -9.06 6.62
CA MET A 135 -10.28 -9.98 7.07
C MET A 135 -9.52 -9.46 8.30
N LEU A 136 -9.14 -8.19 8.28
CA LEU A 136 -8.41 -7.60 9.38
C LEU A 136 -9.17 -7.52 10.69
N ASP A 137 -10.45 -7.18 10.62
N ASP A 137 -10.43 -7.11 10.67
CA ASP A 137 -11.26 -7.07 11.81
CA ASP A 137 -11.17 -7.01 11.92
C ASP A 137 -11.57 -8.47 12.38
C ASP A 137 -11.28 -8.41 12.54
N SER A 138 -11.29 -9.53 11.62
N SER A 138 -11.42 -9.43 11.68
CA SER A 138 -11.52 -10.89 12.11
CA SER A 138 -11.53 -10.83 12.10
C SER A 138 -10.32 -11.29 12.98
C SER A 138 -10.33 -11.25 12.99
N LEU A 139 -9.16 -10.67 12.74
CA LEU A 139 -7.95 -10.97 13.53
C LEU A 139 -8.22 -10.58 14.98
N GLY A 140 -8.95 -9.48 15.18
CA GLY A 140 -9.33 -9.06 16.52
C GLY A 140 -8.38 -8.50 17.55
N LYS A 141 -8.93 -8.27 18.73
CA LYS A 141 -8.21 -7.69 19.88
C LYS A 141 -7.01 -8.46 20.31
N SER A 142 -7.06 -9.78 20.22
CA SER A 142 -5.94 -10.62 20.64
C SER A 142 -4.68 -10.38 19.79
N GLU A 143 -4.87 -9.82 18.59
N GLU A 143 -4.87 -9.83 18.59
CA GLU A 143 -3.79 -9.50 17.65
CA GLU A 143 -3.77 -9.50 17.68
C GLU A 143 -3.51 -7.99 17.66
C GLU A 143 -3.49 -7.99 17.68
N GLY A 144 -4.09 -7.28 18.63
CA GLY A 144 -3.90 -5.83 18.77
C GLY A 144 -4.80 -4.93 17.95
N ILE A 145 -5.79 -5.50 17.28
CA ILE A 145 -6.72 -4.75 16.47
C ILE A 145 -8.02 -4.52 17.22
N LEU A 146 -8.22 -3.31 17.72
CA LEU A 146 -9.45 -2.98 18.44
C LEU A 146 -10.62 -2.87 17.45
N GLY A 147 -10.36 -2.36 16.26
CA GLY A 147 -11.39 -2.23 15.26
C GLY A 147 -10.84 -1.73 13.96
N VAL A 148 -11.61 -1.98 12.90
CA VAL A 148 -11.25 -1.57 11.57
C VAL A 148 -12.48 -1.06 10.84
N VAL A 149 -12.31 0.06 10.13
N VAL A 149 -12.33 0.07 10.13
CA VAL A 149 -13.37 0.65 9.34
CA VAL A 149 -13.42 0.64 9.34
C VAL A 149 -12.77 1.01 7.99
C VAL A 149 -12.80 1.02 8.01
N ALA A 150 -13.50 0.73 6.92
CA ALA A 150 -13.01 1.03 5.60
C ALA A 150 -13.94 1.91 4.80
N GLY A 151 -13.33 2.68 3.91
CA GLY A 151 -13.98 3.57 2.98
C GLY A 151 -13.84 2.80 1.68
N ASP A 152 -13.85 3.47 0.54
CA ASP A 152 -13.74 2.75 -0.73
C ASP A 152 -12.38 2.12 -0.98
N ASP A 153 -11.31 2.89 -0.73
CA ASP A 153 -9.97 2.37 -0.96
C ASP A 153 -9.01 2.71 0.17
N THR A 154 -9.58 3.02 1.34
CA THR A 154 -8.81 3.38 2.52
C THR A 154 -9.34 2.60 3.71
N ILE A 155 -8.43 2.14 4.56
CA ILE A 155 -8.78 1.39 5.76
C ILE A 155 -8.11 2.00 6.99
N PHE A 156 -8.90 2.22 8.04
CA PHE A 156 -8.38 2.74 9.30
C PHE A 156 -8.39 1.58 10.29
N ILE A 157 -7.24 1.30 10.89
CA ILE A 157 -7.10 0.22 11.87
C ILE A 157 -6.69 0.92 13.18
N THR A 158 -7.49 0.74 14.23
CA THR A 158 -7.17 1.37 15.51
C THR A 158 -6.67 0.28 16.48
N PRO A 159 -5.58 0.56 17.19
CA PRO A 159 -5.01 -0.45 18.09
C PRO A 159 -5.63 -0.58 19.46
N THR A 160 -5.45 -1.75 20.05
CA THR A 160 -5.91 -1.94 21.42
C THR A 160 -4.88 -1.20 22.30
N LEU A 161 -5.22 -1.00 23.57
CA LEU A 161 -4.33 -0.32 24.52
C LEU A 161 -3.07 -1.15 24.81
N THR A 162 -3.05 -2.41 24.40
CA THR A 162 -1.94 -3.31 24.64
C THR A 162 -0.91 -3.45 23.51
N ILE A 163 -1.06 -2.68 22.45
CA ILE A 163 -0.10 -2.72 21.36
C ILE A 163 0.12 -1.30 20.92
N THR A 164 1.36 -0.99 20.54
N THR A 164 1.36 -1.00 20.54
CA THR A 164 1.70 0.34 20.08
CA THR A 164 1.69 0.32 20.09
C THR A 164 1.28 0.46 18.63
C THR A 164 1.30 0.46 18.62
N THR A 165 1.06 1.69 18.19
CA THR A 165 0.69 1.94 16.80
C THR A 165 1.87 1.46 15.93
N GLU A 166 3.11 1.70 16.35
N GLU A 166 3.09 1.69 16.40
CA GLU A 166 4.25 1.23 15.55
CA GLU A 166 4.28 1.27 15.67
C GLU A 166 4.34 -0.29 15.47
C GLU A 166 4.34 -0.25 15.50
N GLN A 167 4.06 -1.00 16.56
CA GLN A 167 4.10 -2.46 16.50
C GLN A 167 2.97 -2.98 15.63
N LEU A 168 1.80 -2.35 15.73
CA LEU A 168 0.67 -2.75 14.91
C LEU A 168 1.06 -2.52 13.45
N PHE A 169 1.65 -1.35 13.19
CA PHE A 169 2.11 -0.99 11.85
C PHE A 169 3.05 -2.05 11.31
N LYS A 170 4.04 -2.42 12.11
N LYS A 170 4.04 -2.46 12.12
CA LYS A 170 5.01 -3.44 11.71
CA LYS A 170 4.97 -3.50 11.67
C LYS A 170 4.36 -4.78 11.43
C LYS A 170 4.25 -4.82 11.38
N SER A 171 3.35 -5.15 12.21
N SER A 171 3.33 -5.22 12.26
CA SER A 171 2.66 -6.42 12.02
CA SER A 171 2.60 -6.46 12.05
C SER A 171 1.84 -6.42 10.74
C SER A 171 1.79 -6.44 10.76
N VAL A 172 1.17 -5.30 10.48
CA VAL A 172 0.36 -5.13 9.27
C VAL A 172 1.27 -5.16 8.04
N CYS A 173 2.41 -4.48 8.13
CA CYS A 173 3.38 -4.50 7.02
C CYS A 173 3.84 -5.93 6.76
N GLU A 174 4.06 -6.72 7.81
CA GLU A 174 4.48 -8.12 7.65
C GLU A 174 3.38 -8.95 7.00
N LEU A 175 2.15 -8.78 7.45
CA LEU A 175 1.02 -9.51 6.88
C LEU A 175 0.90 -9.26 5.38
N PHE A 176 1.03 -8.00 4.97
CA PHE A 176 0.92 -7.65 3.56
C PHE A 176 2.25 -7.60 2.79
N GLU A 177 3.35 -7.89 3.49
CA GLU A 177 4.69 -7.87 2.91
C GLU A 177 4.91 -6.53 2.19
N TYR A 178 4.69 -5.45 2.93
CA TYR A 178 4.87 -4.10 2.41
C TYR A 178 6.00 -3.43 3.16
N ALA A 179 6.99 -2.93 2.42
CA ALA A 179 8.14 -2.26 3.03
C ALA A 179 7.76 -0.83 3.39
N GLY A 180 6.94 -0.68 4.43
CA GLY A 180 6.46 0.64 4.87
C GLY A 180 7.47 1.49 5.61
#